data_3LYX
#
_entry.id   3LYX
#
_cell.length_a   51.873
_cell.length_b   51.873
_cell.length_c   155.828
_cell.angle_alpha   90.00
_cell.angle_beta   90.00
_cell.angle_gamma   120.00
#
_symmetry.space_group_name_H-M   'P 32 2 1'
#
loop_
_entity.id
_entity.type
_entity.pdbx_description
1 polymer 'Sensory box/GGDEF domain protein'
2 water water
#
_entity_poly.entity_id   1
_entity_poly.type   'polypeptide(L)'
_entity_poly.pdbx_seq_one_letter_code
;MNVDILKQRAKAFDYVFDAIVVTDLQGFIIDWNKGSETLYGYSKEQAIGQPVNMLHVPGDTEHITSEVISAVENQGKWTG
EIRMLHKDGHIGWIESMCVPIYGENYQMVGALGINRDITKRKKE
;
_entity_poly.pdbx_strand_id   A,B
#
# COMPACT_ATOMS: atom_id res chain seq x y z
N ASP A 4 16.26 -7.86 2.58
CA ASP A 4 16.72 -6.44 2.53
C ASP A 4 15.77 -5.62 1.66
N ILE A 5 16.05 -5.55 0.36
CA ILE A 5 15.19 -4.80 -0.56
C ILE A 5 13.79 -5.39 -0.44
N LEU A 6 13.72 -6.72 -0.42
CA LEU A 6 12.45 -7.41 -0.31
C LEU A 6 11.84 -7.14 1.05
N LYS A 7 12.67 -7.16 2.08
CA LYS A 7 12.19 -6.91 3.42
C LYS A 7 11.50 -5.56 3.53
N GLN A 8 12.14 -4.51 2.97
CA GLN A 8 11.57 -3.17 3.05
C GLN A 8 10.27 -3.02 2.29
N ARG A 9 10.18 -3.67 1.14
CA ARG A 9 8.95 -3.60 0.36
C ARG A 9 7.81 -4.22 1.18
N ALA A 10 8.13 -5.31 1.87
CA ALA A 10 7.14 -6.01 2.69
C ALA A 10 6.71 -5.24 3.93
N LYS A 11 7.61 -4.38 4.44
CA LYS A 11 7.31 -3.61 5.64
C LYS A 11 6.18 -2.60 5.41
N ALA A 12 6.09 -2.07 4.21
CA ALA A 12 5.05 -1.08 3.90
C ALA A 12 3.65 -1.66 4.15
N PHE A 13 3.57 -2.98 4.24
CA PHE A 13 2.32 -3.72 4.44
C PHE A 13 1.39 -3.10 5.50
N ASP A 14 1.86 -3.05 6.73
CA ASP A 14 1.07 -2.50 7.83
C ASP A 14 1.16 -1.00 8.02
N TYR A 15 1.55 -0.27 6.99
CA TYR A 15 1.64 1.19 7.10
C TYR A 15 0.78 1.88 6.04
N VAL A 16 0.53 1.21 4.93
CA VAL A 16 -0.28 1.81 3.87
C VAL A 16 -1.75 1.95 4.27
N PHE A 17 -2.43 2.90 3.63
CA PHE A 17 -3.85 3.13 3.90
C PHE A 17 -4.70 2.10 3.14
N ASP A 18 -4.19 1.64 2.00
CA ASP A 18 -4.91 0.64 1.21
C ASP A 18 -5.09 -0.66 2.01
N ALA A 19 -6.26 -1.28 1.86
CA ALA A 19 -6.58 -2.52 2.58
C ALA A 19 -6.12 -3.70 1.72
N ILE A 20 -5.13 -4.44 2.22
CA ILE A 20 -4.58 -5.59 1.49
C ILE A 20 -5.12 -6.92 2.02
N VAL A 21 -5.69 -7.72 1.12
CA VAL A 21 -6.23 -9.01 1.50
C VAL A 21 -5.57 -10.08 0.63
N VAL A 22 -4.85 -10.99 1.27
CA VAL A 22 -4.18 -12.06 0.54
C VAL A 22 -4.96 -13.36 0.70
N THR A 23 -5.25 -14.01 -0.43
CA THR A 23 -6.00 -15.26 -0.43
C THR A 23 -5.29 -16.39 -1.16
N ASP A 24 -5.71 -17.61 -0.88
CA ASP A 24 -5.14 -18.79 -1.51
C ASP A 24 -6.09 -19.22 -2.64
N LEU A 25 -5.77 -20.30 -3.34
CA LEU A 25 -6.60 -20.78 -4.44
C LEU A 25 -8.01 -21.14 -4.00
N GLN A 26 -8.14 -21.57 -2.75
CA GLN A 26 -9.46 -21.95 -2.22
C GLN A 26 -10.23 -20.74 -1.73
N GLY A 27 -9.67 -19.55 -1.97
CA GLY A 27 -10.34 -18.33 -1.57
C GLY A 27 -10.28 -18.00 -0.08
N PHE A 28 -9.49 -18.75 0.68
CA PHE A 28 -9.37 -18.50 2.11
C PHE A 28 -8.30 -17.45 2.37
N ILE A 29 -8.63 -16.48 3.21
CA ILE A 29 -7.73 -15.39 3.57
C ILE A 29 -6.50 -15.92 4.30
N ILE A 30 -5.32 -15.64 3.78
CA ILE A 30 -4.07 -16.09 4.40
C ILE A 30 -3.20 -14.96 4.95
N ASP A 31 -3.50 -13.73 4.56
CA ASP A 31 -2.77 -12.58 5.08
C ASP A 31 -3.72 -11.40 5.11
N TRP A 32 -3.48 -10.48 6.04
CA TRP A 32 -4.36 -9.35 6.25
C TRP A 32 -3.51 -8.24 6.87
N ASN A 33 -3.64 -7.01 6.35
CA ASN A 33 -2.87 -5.87 6.86
C ASN A 33 -3.70 -4.91 7.71
N LYS A 34 -3.04 -3.92 8.32
CA LYS A 34 -3.75 -2.97 9.17
C LYS A 34 -4.77 -2.14 8.38
N GLY A 35 -4.49 -1.89 7.11
CA GLY A 35 -5.43 -1.12 6.32
C GLY A 35 -6.76 -1.86 6.22
N SER A 36 -6.68 -3.19 6.10
CA SER A 36 -7.85 -4.03 6.00
C SER A 36 -8.60 -4.05 7.33
N GLU A 37 -7.85 -3.99 8.42
CA GLU A 37 -8.46 -3.98 9.74
C GLU A 37 -9.30 -2.71 9.89
N THR A 38 -8.82 -1.61 9.30
CA THR A 38 -9.52 -0.34 9.37
C THR A 38 -10.77 -0.31 8.47
N LEU A 39 -10.61 -0.77 7.24
CA LEU A 39 -11.70 -0.78 6.27
C LEU A 39 -12.83 -1.75 6.61
N TYR A 40 -12.46 -2.99 6.94
CA TYR A 40 -13.44 -4.04 7.22
C TYR A 40 -13.78 -4.26 8.69
N GLY A 41 -12.87 -3.88 9.59
CA GLY A 41 -13.12 -4.06 11.00
C GLY A 41 -12.51 -5.30 11.63
N TYR A 42 -12.33 -6.35 10.84
CA TYR A 42 -11.75 -7.60 11.35
C TYR A 42 -10.27 -7.48 11.68
N SER A 43 -9.88 -8.07 12.81
CA SER A 43 -8.49 -8.06 13.22
C SER A 43 -7.83 -9.14 12.37
N LYS A 44 -6.51 -9.13 12.30
CA LYS A 44 -5.78 -10.11 11.52
C LYS A 44 -6.16 -11.53 11.94
N GLU A 45 -6.17 -11.75 13.24
CA GLU A 45 -6.49 -13.06 13.81
C GLU A 45 -7.90 -13.54 13.47
N GLN A 46 -8.82 -12.60 13.27
CA GLN A 46 -10.20 -12.96 12.94
C GLN A 46 -10.40 -13.24 11.46
N ALA A 47 -9.76 -12.46 10.60
CA ALA A 47 -9.89 -12.63 9.16
C ALA A 47 -9.19 -13.85 8.59
N ILE A 48 -8.00 -14.14 9.10
CA ILE A 48 -7.22 -15.29 8.62
C ILE A 48 -7.98 -16.61 8.81
N GLY A 49 -8.04 -17.40 7.74
CA GLY A 49 -8.73 -18.67 7.79
C GLY A 49 -10.17 -18.59 7.32
N GLN A 50 -10.70 -17.37 7.24
CA GLN A 50 -12.07 -17.16 6.81
C GLN A 50 -12.18 -16.98 5.29
N PRO A 51 -13.32 -17.39 4.72
CA PRO A 51 -13.52 -17.25 3.27
C PRO A 51 -13.55 -15.77 2.93
N VAL A 52 -12.85 -15.37 1.88
CA VAL A 52 -12.83 -13.96 1.52
C VAL A 52 -14.22 -13.42 1.18
N ASN A 53 -15.09 -14.27 0.64
CA ASN A 53 -16.45 -13.84 0.30
C ASN A 53 -17.22 -13.34 1.51
N MET A 54 -16.70 -13.62 2.70
CA MET A 54 -17.33 -13.15 3.93
C MET A 54 -17.39 -11.61 3.88
N LEU A 55 -16.50 -11.03 3.07
CA LEU A 55 -16.43 -9.57 2.95
C LEU A 55 -17.48 -8.97 2.02
N HIS A 56 -18.20 -9.83 1.29
CA HIS A 56 -19.22 -9.38 0.36
C HIS A 56 -20.60 -9.26 0.98
N VAL A 57 -21.48 -8.53 0.30
CA VAL A 57 -22.86 -8.44 0.69
C VAL A 57 -23.22 -9.80 0.05
N PRO A 58 -23.74 -10.76 0.83
CA PRO A 58 -24.10 -12.10 0.33
C PRO A 58 -24.73 -12.15 -1.06
N GLY A 59 -25.63 -11.22 -1.33
CA GLY A 59 -26.29 -11.19 -2.62
C GLY A 59 -25.36 -10.93 -3.81
N ASP A 60 -24.21 -10.32 -3.58
CA ASP A 60 -23.27 -10.00 -4.66
C ASP A 60 -22.24 -11.09 -4.94
N THR A 61 -21.97 -11.92 -3.95
CA THR A 61 -20.96 -12.97 -4.08
C THR A 61 -20.88 -13.79 -5.37
N GLU A 62 -22.01 -14.35 -5.81
CA GLU A 62 -21.99 -15.19 -7.00
C GLU A 62 -21.44 -14.49 -8.23
N HIS A 63 -21.96 -13.31 -8.54
CA HIS A 63 -21.55 -12.58 -9.73
C HIS A 63 -20.16 -11.93 -9.57
N ILE A 64 -19.84 -11.49 -8.38
CA ILE A 64 -18.53 -10.90 -8.14
C ILE A 64 -17.47 -11.98 -8.33
N THR A 65 -17.69 -13.13 -7.71
CA THR A 65 -16.72 -14.21 -7.79
C THR A 65 -16.46 -14.68 -9.22
N SER A 66 -17.51 -14.86 -10.01
CA SER A 66 -17.31 -15.31 -11.38
C SER A 66 -16.64 -14.21 -12.21
N GLU A 67 -16.97 -12.96 -11.91
CA GLU A 67 -16.40 -11.83 -12.63
C GLU A 67 -14.91 -11.67 -12.31
N VAL A 68 -14.55 -11.89 -11.05
CA VAL A 68 -13.16 -11.79 -10.61
C VAL A 68 -12.33 -12.94 -11.18
N ILE A 69 -12.85 -14.15 -11.07
CA ILE A 69 -12.15 -15.33 -11.59
C ILE A 69 -11.89 -15.21 -13.09
N SER A 70 -12.86 -14.64 -13.81
CA SER A 70 -12.73 -14.47 -15.25
C SER A 70 -11.63 -13.45 -15.60
N ALA A 71 -11.67 -12.28 -14.98
CA ALA A 71 -10.70 -11.23 -15.25
C ALA A 71 -9.27 -11.66 -14.90
N VAL A 72 -9.13 -12.28 -13.74
CA VAL A 72 -7.81 -12.72 -13.29
C VAL A 72 -7.22 -13.76 -14.22
N GLU A 73 -8.06 -14.68 -14.70
CA GLU A 73 -7.60 -15.74 -15.59
C GLU A 73 -7.42 -15.30 -17.04
N ASN A 74 -8.18 -14.30 -17.48
CA ASN A 74 -8.07 -13.85 -18.86
C ASN A 74 -7.31 -12.54 -19.09
N GLN A 75 -7.49 -11.57 -18.20
CA GLN A 75 -6.79 -10.30 -18.33
C GLN A 75 -5.61 -10.21 -17.35
N GLY A 76 -5.59 -11.11 -16.37
CA GLY A 76 -4.52 -11.11 -15.39
C GLY A 76 -4.75 -10.14 -14.25
N LYS A 77 -5.89 -9.46 -14.27
CA LYS A 77 -6.24 -8.50 -13.23
C LYS A 77 -7.72 -8.15 -13.28
N TRP A 78 -8.33 -8.06 -12.10
CA TRP A 78 -9.72 -7.69 -12.00
C TRP A 78 -9.81 -6.36 -11.24
N THR A 79 -10.71 -5.49 -11.68
CA THR A 79 -10.90 -4.22 -11.01
C THR A 79 -12.39 -3.91 -11.04
N GLY A 80 -12.90 -3.31 -9.97
CA GLY A 80 -14.30 -2.98 -9.95
C GLY A 80 -14.74 -2.23 -8.70
N GLU A 81 -15.98 -1.75 -8.76
CA GLU A 81 -16.57 -1.02 -7.65
C GLU A 81 -17.64 -1.96 -7.10
N ILE A 82 -17.42 -2.49 -5.91
CA ILE A 82 -18.40 -3.39 -5.32
C ILE A 82 -18.73 -2.96 -3.90
N ARG A 83 -19.82 -3.51 -3.37
CA ARG A 83 -20.20 -3.18 -2.01
C ARG A 83 -19.33 -4.00 -1.08
N MET A 84 -19.24 -3.57 0.17
CA MET A 84 -18.47 -4.29 1.17
C MET A 84 -19.32 -4.46 2.40
N LEU A 85 -19.13 -5.56 3.11
CA LEU A 85 -19.86 -5.80 4.35
C LEU A 85 -18.87 -5.69 5.48
N HIS A 86 -19.08 -4.69 6.33
CA HIS A 86 -18.22 -4.46 7.48
C HIS A 86 -18.43 -5.55 8.50
N LYS A 87 -17.50 -5.64 9.44
CA LYS A 87 -17.53 -6.60 10.54
C LYS A 87 -18.74 -6.36 11.43
N ASP A 88 -19.11 -5.10 11.62
CA ASP A 88 -20.25 -4.77 12.47
C ASP A 88 -21.61 -4.91 11.77
N GLY A 89 -21.59 -5.04 10.46
CA GLY A 89 -22.84 -5.20 9.72
C GLY A 89 -23.24 -4.10 8.76
N HIS A 90 -22.60 -2.94 8.80
CA HIS A 90 -23.00 -1.89 7.87
C HIS A 90 -22.42 -2.12 6.48
N ILE A 91 -23.08 -1.56 5.48
CA ILE A 91 -22.63 -1.72 4.10
C ILE A 91 -21.92 -0.48 3.60
N GLY A 92 -20.95 -0.69 2.71
CA GLY A 92 -20.22 0.42 2.15
C GLY A 92 -19.81 0.09 0.74
N TRP A 93 -19.14 1.02 0.09
CA TRP A 93 -18.68 0.80 -1.27
C TRP A 93 -17.18 0.93 -1.27
N ILE A 94 -16.54 0.09 -2.06
CA ILE A 94 -15.09 0.13 -2.15
C ILE A 94 -14.64 -0.03 -3.60
N GLU A 95 -13.42 0.40 -3.85
CA GLU A 95 -12.79 0.29 -5.15
C GLU A 95 -11.90 -0.91 -4.89
N SER A 96 -12.04 -1.96 -5.69
CA SER A 96 -11.25 -3.15 -5.45
C SER A 96 -10.48 -3.63 -6.66
N MET A 97 -9.37 -4.30 -6.39
CA MET A 97 -8.49 -4.85 -7.42
C MET A 97 -8.01 -6.20 -6.95
N CYS A 98 -7.87 -7.13 -7.90
CA CYS A 98 -7.41 -8.46 -7.57
C CYS A 98 -6.35 -8.88 -8.59
N VAL A 99 -5.18 -9.27 -8.09
CA VAL A 99 -4.10 -9.70 -8.95
C VAL A 99 -3.68 -11.10 -8.53
N PRO A 100 -3.47 -11.99 -9.51
CA PRO A 100 -3.08 -13.36 -9.18
C PRO A 100 -1.62 -13.45 -8.74
N ILE A 101 -1.35 -14.37 -7.83
CA ILE A 101 0.00 -14.62 -7.34
C ILE A 101 0.38 -15.92 -8.02
N TYR A 102 1.58 -15.99 -8.57
CA TYR A 102 2.02 -17.19 -9.27
C TYR A 102 3.07 -17.99 -8.52
N GLY A 103 3.07 -19.30 -8.76
CA GLY A 103 4.03 -20.18 -8.13
C GLY A 103 5.19 -20.44 -9.09
N GLU A 104 5.10 -21.54 -9.83
CA GLU A 104 6.14 -21.90 -10.79
C GLU A 104 5.50 -22.11 -12.16
N ASN A 105 6.27 -21.87 -13.21
CA ASN A 105 5.79 -22.01 -14.59
C ASN A 105 4.44 -21.32 -14.72
N TYR A 106 4.36 -20.10 -14.20
CA TYR A 106 3.17 -19.27 -14.23
C TYR A 106 1.89 -19.95 -13.73
N GLN A 107 2.01 -20.69 -12.62
CA GLN A 107 0.86 -21.37 -12.02
C GLN A 107 0.31 -20.52 -10.88
N MET A 108 -0.96 -20.11 -11.01
CA MET A 108 -1.61 -19.29 -9.98
C MET A 108 -1.73 -20.09 -8.68
N VAL A 109 -1.22 -19.53 -7.59
CA VAL A 109 -1.25 -20.20 -6.29
C VAL A 109 -2.15 -19.44 -5.30
N GLY A 110 -2.63 -18.28 -5.71
CA GLY A 110 -3.48 -17.48 -4.85
C GLY A 110 -3.68 -16.10 -5.43
N ALA A 111 -4.30 -15.20 -4.68
CA ALA A 111 -4.52 -13.88 -5.21
C ALA A 111 -4.29 -12.78 -4.17
N LEU A 112 -4.03 -11.59 -4.70
CA LEU A 112 -3.78 -10.41 -3.88
C LEU A 112 -4.90 -9.42 -4.15
N GLY A 113 -5.54 -8.95 -3.08
CA GLY A 113 -6.61 -7.99 -3.21
C GLY A 113 -6.23 -6.66 -2.58
N ILE A 114 -6.47 -5.56 -3.30
CA ILE A 114 -6.17 -4.21 -2.82
C ILE A 114 -7.50 -3.47 -2.82
N ASN A 115 -7.84 -2.85 -1.69
CA ASN A 115 -9.12 -2.19 -1.55
C ASN A 115 -9.09 -0.81 -0.88
N ARG A 116 -10.01 0.07 -1.29
CA ARG A 116 -10.11 1.41 -0.73
C ARG A 116 -11.57 1.81 -0.61
N ASP A 117 -11.90 2.48 0.48
CA ASP A 117 -13.27 2.95 0.70
C ASP A 117 -13.65 4.13 -0.19
N ILE A 118 -14.84 4.06 -0.78
CA ILE A 118 -15.35 5.13 -1.62
C ILE A 118 -16.82 5.39 -1.29
N THR A 119 -17.25 4.96 -0.11
CA THR A 119 -18.64 5.11 0.32
C THR A 119 -19.10 6.56 0.26
N LYS A 120 -18.34 7.44 0.92
CA LYS A 120 -18.64 8.87 0.94
C LYS A 120 -18.89 9.42 -0.44
N ARG A 121 -18.18 8.90 -1.44
CA ARG A 121 -18.31 9.35 -2.81
C ARG A 121 -19.16 8.43 -3.67
N ASN B 2 8.63 -18.42 5.73
CA ASN B 2 8.44 -16.95 5.97
C ASN B 2 8.73 -16.16 4.69
N VAL B 3 9.64 -16.68 3.87
CA VAL B 3 9.97 -16.01 2.61
C VAL B 3 8.69 -15.89 1.79
N ASP B 4 7.82 -16.88 1.91
CA ASP B 4 6.56 -16.87 1.18
C ASP B 4 5.75 -15.68 1.67
N ILE B 5 5.79 -15.43 2.97
CA ILE B 5 5.08 -14.30 3.56
C ILE B 5 5.65 -12.98 3.04
N LEU B 6 6.97 -12.86 3.07
CA LEU B 6 7.62 -11.64 2.60
C LEU B 6 7.32 -11.36 1.13
N LYS B 7 7.32 -12.41 0.32
CA LYS B 7 7.06 -12.27 -1.09
C LYS B 7 5.68 -11.69 -1.35
N GLN B 8 4.66 -12.29 -0.75
CA GLN B 8 3.29 -11.82 -0.96
C GLN B 8 3.07 -10.42 -0.44
N ARG B 9 3.74 -10.07 0.65
CA ARG B 9 3.59 -8.73 1.20
C ARG B 9 4.28 -7.71 0.32
N ALA B 10 5.42 -8.08 -0.24
CA ALA B 10 6.18 -7.19 -1.13
C ALA B 10 5.40 -7.02 -2.42
N LYS B 11 4.68 -8.07 -2.82
CA LYS B 11 3.88 -8.06 -4.03
C LYS B 11 2.93 -6.86 -4.09
N ALA B 12 2.30 -6.54 -2.96
CA ALA B 12 1.36 -5.41 -2.91
C ALA B 12 2.02 -4.07 -3.26
N PHE B 13 3.33 -4.00 -3.03
CA PHE B 13 4.12 -2.81 -3.29
C PHE B 13 3.71 -2.03 -4.54
N ASP B 14 3.80 -2.66 -5.71
CA ASP B 14 3.43 -1.95 -6.94
C ASP B 14 1.95 -1.96 -7.30
N TYR B 15 1.09 -2.36 -6.37
CA TYR B 15 -0.34 -2.40 -6.64
C TYR B 15 -1.16 -1.45 -5.76
N VAL B 16 -0.61 -1.00 -4.65
CA VAL B 16 -1.33 -0.09 -3.78
C VAL B 16 -1.44 1.32 -4.39
N PHE B 17 -2.41 2.09 -3.93
CA PHE B 17 -2.61 3.45 -4.43
C PHE B 17 -1.65 4.36 -3.67
N ASP B 18 -1.25 3.91 -2.49
CA ASP B 18 -0.30 4.64 -1.65
C ASP B 18 1.02 4.82 -2.37
N ALA B 19 1.60 6.01 -2.26
CA ALA B 19 2.91 6.26 -2.87
C ALA B 19 3.96 5.91 -1.81
N ILE B 20 4.68 4.83 -2.06
CA ILE B 20 5.74 4.39 -1.14
C ILE B 20 7.08 4.92 -1.64
N VAL B 21 7.84 5.54 -0.74
CA VAL B 21 9.17 6.04 -1.08
C VAL B 21 10.12 5.60 0.01
N VAL B 22 11.03 4.71 -0.35
CA VAL B 22 12.02 4.19 0.59
C VAL B 22 13.35 4.92 0.37
N THR B 23 13.95 5.43 1.45
CA THR B 23 15.22 6.16 1.35
C THR B 23 16.32 5.61 2.24
N ASP B 24 17.55 6.01 1.98
CA ASP B 24 18.67 5.56 2.81
C ASP B 24 18.86 6.57 3.92
N LEU B 25 19.87 6.34 4.75
CA LEU B 25 20.16 7.21 5.88
C LEU B 25 20.37 8.66 5.48
N GLN B 26 20.70 8.88 4.21
CA GLN B 26 20.93 10.24 3.74
C GLN B 26 19.83 10.82 2.85
N GLY B 27 18.66 10.19 2.86
CA GLY B 27 17.55 10.69 2.08
C GLY B 27 17.56 10.46 0.58
N PHE B 28 18.34 9.51 0.11
CA PHE B 28 18.38 9.20 -1.31
C PHE B 28 17.42 8.04 -1.56
N ILE B 29 16.59 8.18 -2.59
CA ILE B 29 15.59 7.17 -2.89
C ILE B 29 16.22 5.84 -3.30
N ILE B 30 15.80 4.78 -2.63
CA ILE B 30 16.32 3.46 -2.93
C ILE B 30 15.23 2.55 -3.50
N ASP B 31 13.97 2.88 -3.26
CA ASP B 31 12.84 2.12 -3.81
C ASP B 31 11.69 3.09 -4.03
N TRP B 32 10.89 2.81 -5.05
CA TRP B 32 9.80 3.69 -5.48
C TRP B 32 8.77 2.79 -6.15
N ASN B 33 7.50 2.88 -5.74
CA ASN B 33 6.46 2.04 -6.35
C ASN B 33 5.64 2.83 -7.36
N LYS B 34 4.72 2.15 -8.05
CA LYS B 34 3.89 2.79 -9.06
C LYS B 34 3.09 3.94 -8.46
N GLY B 35 2.63 3.75 -7.23
CA GLY B 35 1.87 4.78 -6.55
C GLY B 35 2.60 6.11 -6.51
N SER B 36 3.91 6.06 -6.27
CA SER B 36 4.69 7.29 -6.21
C SER B 36 4.82 7.92 -7.59
N GLU B 37 4.90 7.07 -8.62
CA GLU B 37 4.99 7.59 -9.98
C GLU B 37 3.73 8.37 -10.30
N THR B 38 2.57 7.82 -9.92
CA THR B 38 1.29 8.47 -10.15
C THR B 38 1.19 9.77 -9.37
N LEU B 39 1.65 9.75 -8.13
CA LEU B 39 1.57 10.95 -7.29
C LEU B 39 2.56 12.05 -7.61
N TYR B 40 3.83 11.69 -7.70
CA TYR B 40 4.90 12.66 -7.94
C TYR B 40 5.22 12.95 -9.40
N GLY B 41 4.93 12.00 -10.28
CA GLY B 41 5.19 12.20 -11.69
C GLY B 41 6.41 11.49 -12.26
N TYR B 42 7.33 11.10 -11.38
CA TYR B 42 8.57 10.41 -11.80
C TYR B 42 8.42 8.90 -11.81
N SER B 43 9.10 8.24 -12.75
CA SER B 43 9.07 6.77 -12.86
C SER B 43 10.23 6.25 -12.00
N LYS B 44 10.30 4.95 -11.77
CA LYS B 44 11.37 4.37 -10.96
C LYS B 44 12.76 4.78 -11.45
N GLU B 45 12.95 4.76 -12.78
CA GLU B 45 14.23 5.14 -13.37
C GLU B 45 14.62 6.58 -13.05
N GLN B 46 13.63 7.45 -12.93
CA GLN B 46 13.90 8.85 -12.63
C GLN B 46 13.97 9.19 -11.15
N ALA B 47 13.48 8.29 -10.30
CA ALA B 47 13.47 8.53 -8.86
C ALA B 47 14.58 7.86 -8.06
N ILE B 48 14.82 6.58 -8.29
CA ILE B 48 15.83 5.85 -7.55
C ILE B 48 17.23 6.44 -7.69
N GLY B 49 17.89 6.64 -6.55
CA GLY B 49 19.24 7.20 -6.56
C GLY B 49 19.26 8.72 -6.43
N GLN B 50 18.07 9.32 -6.47
CA GLN B 50 17.92 10.77 -6.35
C GLN B 50 17.63 11.15 -4.90
N PRO B 51 17.92 12.41 -4.54
CA PRO B 51 17.67 12.86 -3.17
C PRO B 51 16.17 13.05 -3.03
N VAL B 52 15.62 12.56 -1.93
CA VAL B 52 14.19 12.68 -1.73
C VAL B 52 13.74 14.14 -1.65
N ASN B 53 14.66 15.07 -1.36
CA ASN B 53 14.23 16.46 -1.27
C ASN B 53 13.88 17.06 -2.64
N MET B 54 14.11 16.31 -3.71
CA MET B 54 13.76 16.81 -5.03
C MET B 54 12.23 16.85 -5.12
N LEU B 55 11.55 16.19 -4.17
CA LEU B 55 10.08 16.14 -4.11
C LEU B 55 9.48 17.27 -3.26
N HIS B 56 10.35 18.01 -2.57
CA HIS B 56 9.93 19.12 -1.72
C HIS B 56 9.92 20.42 -2.51
N VAL B 57 9.20 21.40 -1.98
CA VAL B 57 9.17 22.71 -2.58
C VAL B 57 10.42 23.34 -1.96
N PRO B 58 11.37 23.80 -2.79
CA PRO B 58 12.63 24.41 -2.33
C PRO B 58 12.67 24.94 -0.90
N GLY B 59 11.73 25.79 -0.53
CA GLY B 59 11.74 26.35 0.81
C GLY B 59 11.54 25.39 1.97
N ASP B 60 10.63 24.44 1.82
CA ASP B 60 10.28 23.49 2.87
C ASP B 60 11.30 22.46 3.36
N THR B 61 12.20 22.03 2.49
CA THR B 61 13.17 20.99 2.82
C THR B 61 13.79 20.95 4.22
N GLU B 62 14.57 21.97 4.56
CA GLU B 62 15.21 21.98 5.86
C GLU B 62 14.24 21.83 7.03
N HIS B 63 13.09 22.47 6.94
CA HIS B 63 12.09 22.40 8.00
C HIS B 63 11.53 20.97 8.13
N ILE B 64 11.05 20.43 7.01
CA ILE B 64 10.49 19.09 6.98
C ILE B 64 11.49 18.06 7.52
N THR B 65 12.73 18.12 7.05
CA THR B 65 13.76 17.19 7.48
C THR B 65 14.00 17.27 8.98
N SER B 66 13.95 18.47 9.55
CA SER B 66 14.19 18.63 10.99
C SER B 66 13.05 18.08 11.81
N GLU B 67 11.82 18.25 11.32
CA GLU B 67 10.65 17.76 12.02
C GLU B 67 10.60 16.23 11.96
N VAL B 68 10.97 15.66 10.81
CA VAL B 68 10.97 14.21 10.64
C VAL B 68 11.93 13.56 11.63
N ILE B 69 13.19 14.00 11.61
CA ILE B 69 14.21 13.48 12.50
C ILE B 69 13.75 13.65 13.94
N SER B 70 13.28 14.85 14.26
CA SER B 70 12.82 15.16 15.61
C SER B 70 11.68 14.23 16.03
N ALA B 71 10.71 14.04 15.15
CA ALA B 71 9.57 13.18 15.45
C ALA B 71 10.00 11.72 15.64
N VAL B 72 10.86 11.24 14.75
CA VAL B 72 11.35 9.86 14.82
C VAL B 72 12.13 9.60 16.13
N GLU B 73 12.97 10.54 16.52
CA GLU B 73 13.75 10.41 17.75
C GLU B 73 12.86 10.32 18.99
N ASN B 74 11.75 11.06 18.96
CA ASN B 74 10.82 11.08 20.10
C ASN B 74 9.77 9.98 20.09
N GLN B 75 9.02 9.88 18.99
CA GLN B 75 7.96 8.88 18.88
C GLN B 75 8.31 7.67 18.02
N GLY B 76 9.39 7.77 17.24
CA GLY B 76 9.78 6.66 16.39
C GLY B 76 9.00 6.68 15.09
N LYS B 77 8.26 7.77 14.88
CA LYS B 77 7.47 7.94 13.66
C LYS B 77 7.18 9.42 13.43
N TRP B 78 6.89 9.76 12.19
CA TRP B 78 6.55 11.14 11.85
C TRP B 78 5.35 11.15 10.91
N THR B 79 4.42 12.08 11.12
CA THR B 79 3.27 12.21 10.25
C THR B 79 3.04 13.71 10.09
N GLY B 80 2.59 14.13 8.92
CA GLY B 80 2.34 15.55 8.71
C GLY B 80 1.75 15.79 7.34
N GLU B 81 1.23 16.99 7.14
CA GLU B 81 0.64 17.38 5.87
C GLU B 81 1.58 18.43 5.35
N ILE B 82 2.30 18.08 4.29
CA ILE B 82 3.30 18.96 3.71
C ILE B 82 3.05 19.25 2.23
N ARG B 83 3.74 20.26 1.71
CA ARG B 83 3.60 20.58 0.30
C ARG B 83 4.36 19.55 -0.51
N MET B 84 3.99 19.43 -1.78
CA MET B 84 4.58 18.48 -2.69
C MET B 84 4.91 19.21 -3.99
N LEU B 85 6.05 18.89 -4.59
CA LEU B 85 6.46 19.49 -5.85
C LEU B 85 6.45 18.40 -6.91
N HIS B 86 5.48 18.48 -7.83
CA HIS B 86 5.33 17.49 -8.89
C HIS B 86 6.41 17.67 -9.95
N LYS B 87 6.66 16.61 -10.71
CA LYS B 87 7.66 16.65 -11.76
C LYS B 87 7.34 17.74 -12.79
N ASP B 88 6.05 17.89 -13.13
CA ASP B 88 5.65 18.89 -14.11
C ASP B 88 5.64 20.31 -13.54
N GLY B 89 6.21 20.46 -12.35
CA GLY B 89 6.30 21.77 -11.73
C GLY B 89 5.19 22.31 -10.84
N HIS B 90 4.01 21.68 -10.82
CA HIS B 90 2.96 22.23 -9.98
C HIS B 90 3.15 21.83 -8.52
N ILE B 91 2.53 22.58 -7.61
CA ILE B 91 2.63 22.31 -6.19
C ILE B 91 1.31 21.78 -5.65
N GLY B 92 1.40 20.93 -4.63
CA GLY B 92 0.20 20.36 -4.04
C GLY B 92 0.47 19.98 -2.60
N TRP B 93 -0.54 19.42 -1.92
CA TRP B 93 -0.36 19.00 -0.54
C TRP B 93 -0.60 17.49 -0.45
N ILE B 94 0.11 16.85 0.47
CA ILE B 94 -0.02 15.42 0.67
C ILE B 94 -0.05 15.09 2.16
N GLU B 95 -0.65 13.96 2.49
CA GLU B 95 -0.68 13.49 3.86
C GLU B 95 0.51 12.53 3.82
N SER B 96 1.46 12.72 4.73
CA SER B 96 2.65 11.89 4.71
C SER B 96 3.04 11.30 6.07
N MET B 97 3.72 10.16 6.02
CA MET B 97 4.16 9.46 7.21
C MET B 97 5.55 8.90 6.93
N CYS B 98 6.40 8.89 7.94
CA CYS B 98 7.76 8.39 7.79
C CYS B 98 8.18 7.60 9.03
N VAL B 99 8.71 6.41 8.81
CA VAL B 99 9.20 5.58 9.92
C VAL B 99 10.56 5.03 9.50
N PRO B 100 11.43 4.73 10.46
CA PRO B 100 12.75 4.21 10.15
C PRO B 100 12.73 2.76 9.70
N ILE B 101 13.63 2.39 8.79
CA ILE B 101 13.71 1.00 8.38
C ILE B 101 15.00 0.51 8.99
N TYR B 102 15.06 -0.79 9.26
CA TYR B 102 16.23 -1.38 9.89
C TYR B 102 16.87 -2.50 9.09
N GLY B 103 18.19 -2.64 9.25
CA GLY B 103 18.92 -3.67 8.56
C GLY B 103 18.76 -5.01 9.27
N GLU B 104 19.78 -5.85 9.18
CA GLU B 104 19.72 -7.17 9.80
C GLU B 104 20.34 -7.13 11.20
N ASN B 105 20.93 -6.00 11.56
CA ASN B 105 21.58 -5.85 12.86
C ASN B 105 20.88 -4.89 13.82
N TYR B 106 19.55 -4.77 13.68
CA TYR B 106 18.76 -3.90 14.54
C TYR B 106 19.23 -2.44 14.56
N GLN B 107 19.83 -2.03 13.45
CA GLN B 107 20.34 -0.67 13.27
C GLN B 107 19.55 -0.01 12.15
N MET B 108 19.31 1.29 12.26
CA MET B 108 18.56 2.02 11.23
C MET B 108 19.40 2.15 9.96
N VAL B 109 18.80 1.83 8.80
CA VAL B 109 19.50 1.94 7.53
C VAL B 109 18.80 2.88 6.57
N GLY B 110 17.78 3.58 7.07
CA GLY B 110 17.07 4.51 6.23
C GLY B 110 15.66 4.73 6.72
N ALA B 111 14.78 5.08 5.79
CA ALA B 111 13.40 5.36 6.13
C ALA B 111 12.39 4.87 5.10
N LEU B 112 11.15 4.74 5.56
CA LEU B 112 10.03 4.32 4.74
C LEU B 112 9.02 5.46 4.75
N GLY B 113 8.69 5.98 3.58
CA GLY B 113 7.72 7.05 3.49
C GLY B 113 6.44 6.59 2.81
N ILE B 114 5.28 6.97 3.37
CA ILE B 114 3.97 6.62 2.80
C ILE B 114 3.29 7.95 2.52
N ASN B 115 2.79 8.14 1.30
CA ASN B 115 2.18 9.41 0.95
C ASN B 115 0.86 9.31 0.19
N ARG B 116 0.01 10.32 0.34
CA ARG B 116 -1.29 10.39 -0.32
C ARG B 116 -1.68 11.82 -0.65
N ASP B 117 -2.10 12.04 -1.90
CA ASP B 117 -2.52 13.35 -2.36
C ASP B 117 -3.69 13.87 -1.54
N ILE B 118 -3.60 15.13 -1.14
CA ILE B 118 -4.63 15.78 -0.35
C ILE B 118 -4.91 17.17 -0.92
N THR B 119 -4.21 17.49 -2.01
CA THR B 119 -4.32 18.78 -2.69
C THR B 119 -5.76 19.30 -2.73
N LYS B 120 -6.66 18.57 -3.38
CA LYS B 120 -8.04 19.00 -3.43
C LYS B 120 -8.45 19.07 -1.96
N ARG B 121 -9.05 20.19 -1.55
CA ARG B 121 -9.47 20.39 -0.16
C ARG B 121 -8.24 20.46 0.76
#